data_9BCB
#
_entry.id   9BCB
#
_cell.length_a   41.213
_cell.length_b   46.257
_cell.length_c   71.530
_cell.angle_alpha   90.00
_cell.angle_beta   92.10
_cell.angle_gamma   90.00
#
_symmetry.space_group_name_H-M   'P 1 21 1'
#
loop_
_entity.id
_entity.type
_entity.pdbx_description
1 polymer 'Retinol-binding protein 5'
2 non-polymer '1-[11-(dipyrrometheneboron difluoride)undecanoyl]-rac-glycerol'
3 non-polymer GLYCEROL
4 water water
#
_entity_poly.entity_id   1
_entity_poly.type   'polypeptide(L)'
_entity_poly.pdbx_seq_one_letter_code
;MPPNLTGYYRFVSQKNMEDYLQALNISLAVRKIALLLKPDKEIEHQGNHMTVRTLSTFRNYTVQFDVGVEFEEDLRSVDG
RKCQTIVTWEEEHLVCVQKGEVPNRGWRHWLEGEMLYLELTARDAVCEQVFRKVRLVPR
;
_entity_poly.pdbx_strand_id   A,B
#
loop_
_chem_comp.id
_chem_comp.type
_chem_comp.name
_chem_comp.formula
A1ALJ non-polymer '1-[11-(dipyrrometheneboron difluoride)undecanoyl]-rac-glycerol' 'C27 H41 B F2 N2 O4'
GOL non-polymer GLYCEROL 'C3 H8 O3'
#
# COMPACT_ATOMS: atom_id res chain seq x y z
N PRO A 2 3.65 -8.01 -4.91
CA PRO A 2 4.02 -6.72 -4.32
C PRO A 2 3.10 -5.59 -4.81
N PRO A 3 3.01 -4.51 -4.02
CA PRO A 3 2.09 -3.43 -4.38
C PRO A 3 2.57 -2.70 -5.64
N ASN A 4 1.64 -1.97 -6.25
CA ASN A 4 1.98 -1.09 -7.35
C ASN A 4 2.20 0.31 -6.80
N LEU A 5 3.37 0.89 -7.04
CA LEU A 5 3.75 2.15 -6.43
C LEU A 5 3.51 3.36 -7.31
N THR A 6 2.89 3.19 -8.48
CA THR A 6 2.65 4.32 -9.37
C THR A 6 1.91 5.42 -8.62
N GLY A 7 2.40 6.65 -8.76
CA GLY A 7 1.75 7.79 -8.15
C GLY A 7 2.66 8.98 -8.11
N TYR A 8 2.06 10.15 -7.86
CA TYR A 8 2.77 11.37 -7.57
C TYR A 8 2.55 11.68 -6.09
N TYR A 9 3.64 11.87 -5.36
CA TYR A 9 3.59 12.03 -3.91
C TYR A 9 4.26 13.33 -3.51
N ARG A 10 3.52 14.18 -2.81
N ARG A 10 3.50 14.19 -2.83
CA ARG A 10 4.01 15.50 -2.42
CA ARG A 10 4.03 15.49 -2.41
C ARG A 10 4.79 15.44 -1.10
C ARG A 10 4.83 15.38 -1.13
N PHE A 11 5.87 16.22 -1.03
CA PHE A 11 6.70 16.24 0.15
C PHE A 11 5.89 16.60 1.39
N VAL A 12 6.10 15.86 2.47
CA VAL A 12 5.50 16.15 3.77
C VAL A 12 6.55 16.56 4.79
N SER A 13 7.58 15.73 4.97
CA SER A 13 8.56 16.01 6.00
C SER A 13 9.83 15.21 5.73
N GLN A 14 10.90 15.64 6.38
CA GLN A 14 12.15 14.89 6.38
C GLN A 14 12.92 15.24 7.65
N LYS A 15 13.74 14.30 8.09
CA LYS A 15 14.61 14.53 9.22
C LYS A 15 15.95 13.88 8.95
N ASN A 16 17.03 14.56 9.36
CA ASN A 16 18.39 14.07 9.23
C ASN A 16 18.87 14.01 7.78
N MET A 17 18.26 14.80 6.90
CA MET A 17 18.84 14.98 5.57
C MET A 17 20.24 15.58 5.66
N GLU A 18 20.48 16.46 6.64
CA GLU A 18 21.83 16.96 6.85
C GLU A 18 22.83 15.80 6.89
N ASP A 19 22.53 14.79 7.69
CA ASP A 19 23.45 13.68 7.89
C ASP A 19 23.71 12.95 6.58
N TYR A 20 22.65 12.63 5.85
CA TYR A 20 22.79 11.91 4.59
C TYR A 20 23.60 12.71 3.58
N LEU A 21 23.35 14.02 3.48
CA LEU A 21 24.11 14.84 2.55
C LEU A 21 25.59 14.85 2.89
N GLN A 22 25.93 15.00 4.17
CA GLN A 22 27.33 14.98 4.58
CA GLN A 22 27.32 14.99 4.56
C GLN A 22 27.97 13.64 4.26
N ALA A 23 27.25 12.55 4.51
CA ALA A 23 27.82 11.22 4.26
C ALA A 23 28.16 11.03 2.79
N LEU A 24 27.39 11.62 1.88
CA LEU A 24 27.71 11.59 0.47
C LEU A 24 28.76 12.62 0.07
N ASN A 25 29.27 13.39 1.04
CA ASN A 25 30.35 14.35 0.79
C ASN A 25 29.89 15.55 -0.03
N ILE A 26 28.60 15.89 0.06
CA ILE A 26 28.11 17.09 -0.60
C ILE A 26 28.62 18.32 0.13
N SER A 27 28.99 19.34 -0.63
CA SER A 27 29.59 20.53 -0.04
C SER A 27 28.57 21.34 0.74
N LEU A 28 29.11 22.18 1.64
CA LEU A 28 28.27 23.00 2.51
C LEU A 28 27.34 23.89 1.68
N ALA A 29 27.85 24.49 0.62
CA ALA A 29 27.02 25.38 -0.20
C ALA A 29 25.81 24.65 -0.75
N VAL A 30 26.01 23.42 -1.24
CA VAL A 30 24.91 22.68 -1.83
C VAL A 30 23.98 22.14 -0.75
N ARG A 31 24.53 21.71 0.41
CA ARG A 31 23.67 21.25 1.49
C ARG A 31 22.72 22.36 1.93
N LYS A 32 23.22 23.59 2.03
CA LYS A 32 22.38 24.70 2.42
C LYS A 32 21.19 24.85 1.47
N ILE A 33 21.45 24.68 0.17
CA ILE A 33 20.37 24.75 -0.81
C ILE A 33 19.40 23.59 -0.63
N ALA A 34 19.92 22.37 -0.54
CA ALA A 34 19.07 21.19 -0.51
C ALA A 34 18.14 21.21 0.69
N LEU A 35 18.61 21.73 1.82
CA LEU A 35 17.79 21.70 3.03
C LEU A 35 16.61 22.67 2.96
N LEU A 36 16.64 23.61 2.03
CA LEU A 36 15.54 24.56 1.87
C LEU A 36 14.40 24.03 1.01
N LEU A 37 14.65 22.98 0.23
CA LEU A 37 13.69 22.54 -0.77
C LEU A 37 12.77 21.46 -0.23
N LYS A 38 11.67 21.24 -0.96
CA LYS A 38 10.64 20.25 -0.62
C LYS A 38 10.38 19.40 -1.85
N PRO A 39 11.30 18.51 -2.19
CA PRO A 39 11.17 17.75 -3.45
C PRO A 39 10.05 16.73 -3.37
N ASP A 40 9.37 16.54 -4.50
CA ASP A 40 8.30 15.56 -4.62
C ASP A 40 8.86 14.26 -5.20
N LYS A 41 8.04 13.21 -5.13
CA LYS A 41 8.40 11.89 -5.62
C LYS A 41 7.32 11.42 -6.59
N GLU A 42 7.72 11.05 -7.80
CA GLU A 42 6.82 10.51 -8.81
C GLU A 42 7.32 9.16 -9.26
N ILE A 43 6.41 8.18 -9.30
CA ILE A 43 6.77 6.79 -9.60
C ILE A 43 5.88 6.28 -10.72
N GLU A 44 6.49 5.68 -11.73
CA GLU A 44 5.76 4.97 -12.79
C GLU A 44 6.17 3.50 -12.70
N HIS A 45 5.26 2.67 -12.20
CA HIS A 45 5.52 1.26 -11.93
C HIS A 45 4.64 0.44 -12.87
N GLN A 46 5.28 -0.23 -13.84
CA GLN A 46 4.56 -1.01 -14.84
C GLN A 46 5.20 -2.39 -14.91
N GLY A 47 4.45 -3.41 -14.53
CA GLY A 47 5.01 -4.75 -14.45
C GLY A 47 6.12 -4.77 -13.43
N ASN A 48 7.30 -5.20 -13.87
CA ASN A 48 8.48 -5.27 -13.02
C ASN A 48 9.43 -4.11 -13.23
N HIS A 49 9.02 -3.10 -13.99
CA HIS A 49 9.86 -1.95 -14.29
C HIS A 49 9.34 -0.73 -13.55
N MET A 50 10.25 0.11 -13.07
CA MET A 50 9.90 1.33 -12.37
C MET A 50 10.74 2.50 -12.87
N THR A 51 10.12 3.66 -12.96
CA THR A 51 10.80 4.94 -13.07
C THR A 51 10.48 5.73 -11.81
N VAL A 52 11.50 6.21 -11.13
CA VAL A 52 11.34 6.99 -9.90
C VAL A 52 11.99 8.35 -10.13
N ARG A 53 11.20 9.41 -10.00
CA ARG A 53 11.68 10.77 -10.16
C ARG A 53 11.62 11.50 -8.82
N THR A 54 12.68 12.23 -8.53
CA THR A 54 12.73 13.17 -7.41
C THR A 54 12.75 14.56 -8.04
N LEU A 55 11.73 15.37 -7.73
CA LEU A 55 11.47 16.61 -8.47
C LEU A 55 11.58 17.80 -7.54
N SER A 56 12.39 18.78 -7.92
CA SER A 56 12.50 20.03 -7.19
C SER A 56 12.71 21.18 -8.16
N THR A 57 12.54 22.41 -7.66
CA THR A 57 12.70 23.59 -8.50
C THR A 57 14.14 23.83 -8.92
N PHE A 58 15.12 23.28 -8.18
CA PHE A 58 16.53 23.45 -8.51
C PHE A 58 17.05 22.35 -9.43
N ARG A 59 16.68 21.10 -9.16
CA ARG A 59 17.24 19.97 -9.89
C ARG A 59 16.34 18.77 -9.70
N ASN A 60 16.28 17.93 -10.73
CA ASN A 60 15.54 16.68 -10.68
C ASN A 60 16.52 15.52 -10.81
N TYR A 61 16.12 14.37 -10.28
CA TYR A 61 16.91 13.15 -10.45
C TYR A 61 15.97 12.01 -10.77
N THR A 62 16.27 11.28 -11.85
CA THR A 62 15.46 10.17 -12.30
C THR A 62 16.32 8.92 -12.39
N VAL A 63 15.78 7.80 -11.93
CA VAL A 63 16.42 6.50 -12.06
C VAL A 63 15.36 5.53 -12.57
N GLN A 64 15.82 4.53 -13.32
CA GLN A 64 14.92 3.52 -13.87
C GLN A 64 15.48 2.18 -13.47
N PHE A 65 14.62 1.17 -13.40
CA PHE A 65 15.17 -0.15 -13.16
C PHE A 65 14.09 -1.21 -13.34
N ASP A 66 14.56 -2.44 -13.51
CA ASP A 66 13.73 -3.63 -13.36
C ASP A 66 14.08 -4.22 -12.00
N VAL A 67 13.07 -4.50 -11.18
CA VAL A 67 13.35 -5.05 -9.87
C VAL A 67 14.05 -6.39 -10.04
N GLY A 68 15.15 -6.57 -9.31
CA GLY A 68 15.90 -7.80 -9.35
C GLY A 68 17.08 -7.82 -10.31
N VAL A 69 17.24 -6.78 -11.14
CA VAL A 69 18.34 -6.72 -12.09
C VAL A 69 19.28 -5.60 -11.66
N GLU A 70 20.52 -5.97 -11.32
CA GLU A 70 21.51 -4.97 -10.94
C GLU A 70 21.88 -4.15 -12.16
N PHE A 71 22.11 -2.85 -11.94
CA PHE A 71 22.38 -1.94 -13.03
C PHE A 71 23.36 -0.88 -12.56
N GLU A 72 24.02 -0.24 -13.51
CA GLU A 72 24.91 0.87 -13.20
C GLU A 72 24.08 2.14 -13.06
N GLU A 73 24.01 2.69 -11.85
CA GLU A 73 23.24 3.89 -11.58
C GLU A 73 24.13 5.12 -11.70
N ASP A 74 23.71 6.07 -12.54
CA ASP A 74 24.49 7.28 -12.81
C ASP A 74 24.07 8.35 -11.82
N LEU A 75 24.82 8.46 -10.73
CA LEU A 75 24.57 9.42 -9.66
C LEU A 75 25.49 10.63 -9.76
N ARG A 76 26.07 10.88 -10.93
CA ARG A 76 27.02 11.97 -11.06
C ARG A 76 26.37 13.31 -10.80
N SER A 77 25.08 13.45 -11.10
CA SER A 77 24.34 14.68 -10.83
C SER A 77 23.94 14.80 -9.36
N VAL A 78 24.21 13.79 -8.54
CA VAL A 78 23.87 13.83 -7.12
C VAL A 78 25.14 14.07 -6.32
N ASP A 79 26.04 13.09 -6.31
CA ASP A 79 27.28 13.18 -5.55
C ASP A 79 28.52 12.91 -6.41
N GLY A 80 28.38 12.92 -7.73
CA GLY A 80 29.52 12.73 -8.61
C GLY A 80 29.99 11.30 -8.76
N ARG A 81 29.19 10.33 -8.33
CA ARG A 81 29.61 8.94 -8.31
C ARG A 81 28.68 8.08 -9.16
N LYS A 82 29.13 6.85 -9.43
CA LYS A 82 28.33 5.82 -10.06
C LYS A 82 28.32 4.60 -9.14
N CYS A 83 27.21 3.88 -9.14
CA CYS A 83 27.05 2.73 -8.27
C CYS A 83 26.52 1.54 -9.05
N GLN A 84 26.77 0.35 -8.51
CA GLN A 84 26.11 -0.88 -8.96
C GLN A 84 24.91 -1.08 -8.03
N THR A 85 23.72 -0.84 -8.57
CA THR A 85 22.52 -0.73 -7.75
C THR A 85 21.58 -1.90 -8.01
N ILE A 86 20.99 -2.42 -6.94
CA ILE A 86 20.04 -3.52 -7.02
C ILE A 86 18.82 -3.16 -6.19
N VAL A 87 17.64 -3.30 -6.78
CA VAL A 87 16.36 -3.04 -6.11
C VAL A 87 15.63 -4.37 -5.97
N THR A 88 15.10 -4.63 -4.78
CA THR A 88 14.39 -5.86 -4.48
C THR A 88 13.13 -5.54 -3.69
N TRP A 89 12.27 -6.54 -3.57
CA TRP A 89 11.09 -6.47 -2.71
C TRP A 89 11.34 -7.35 -1.49
N GLU A 90 11.19 -6.76 -0.30
CA GLU A 90 11.25 -7.48 0.97
CA GLU A 90 11.25 -7.48 0.97
C GLU A 90 9.90 -7.28 1.64
N GLU A 91 9.03 -8.29 1.53
CA GLU A 91 7.60 -8.13 1.82
C GLU A 91 7.08 -6.93 1.04
N GLU A 92 6.55 -5.91 1.71
CA GLU A 92 5.98 -4.76 1.01
C GLU A 92 6.97 -3.60 0.87
N HIS A 93 8.23 -3.78 1.29
CA HIS A 93 9.23 -2.73 1.19
C HIS A 93 10.02 -2.88 -0.11
N LEU A 94 10.20 -1.76 -0.82
CA LEU A 94 11.10 -1.70 -1.96
C LEU A 94 12.47 -1.30 -1.45
N VAL A 95 13.45 -2.18 -1.58
CA VAL A 95 14.75 -2.05 -0.95
C VAL A 95 15.80 -1.85 -2.04
N CYS A 96 16.59 -0.80 -1.90
CA CYS A 96 17.64 -0.46 -2.86
C CYS A 96 18.99 -0.45 -2.15
N VAL A 97 19.94 -1.18 -2.72
CA VAL A 97 21.33 -1.17 -2.26
C VAL A 97 22.17 -0.63 -3.41
N GLN A 98 22.91 0.45 -3.14
CA GLN A 98 23.76 1.11 -4.12
C GLN A 98 25.21 0.79 -3.75
N LYS A 99 25.78 -0.20 -4.44
CA LYS A 99 27.12 -0.65 -4.11
C LYS A 99 28.15 0.22 -4.80
N GLY A 100 29.19 0.60 -4.04
CA GLY A 100 30.20 1.49 -4.57
C GLY A 100 31.08 2.03 -3.45
N GLU A 101 31.61 3.23 -3.69
CA GLU A 101 32.57 3.81 -2.76
C GLU A 101 31.98 3.98 -1.38
N VAL A 102 30.75 4.50 -1.30
CA VAL A 102 30.12 4.83 -0.01
C VAL A 102 29.51 3.57 0.60
N PRO A 103 29.94 3.14 1.78
CA PRO A 103 29.31 1.98 2.40
C PRO A 103 27.90 2.26 2.87
N ASN A 104 27.12 1.18 3.01
CA ASN A 104 25.76 1.23 3.54
C ASN A 104 24.87 2.19 2.76
N ARG A 105 25.14 2.40 1.48
CA ARG A 105 24.38 3.35 0.69
C ARG A 105 23.16 2.67 0.09
N GLY A 106 22.00 3.31 0.23
CA GLY A 106 20.78 2.78 -0.36
C GLY A 106 19.56 3.50 0.16
N TRP A 107 18.39 2.87 -0.06
CA TRP A 107 17.14 3.44 0.42
C TRP A 107 16.08 2.36 0.49
N ARG A 108 14.96 2.70 1.14
CA ARG A 108 13.81 1.81 1.28
C ARG A 108 12.54 2.64 1.18
N HIS A 109 11.66 2.28 0.25
CA HIS A 109 10.27 2.74 0.27
C HIS A 109 9.30 1.73 0.85
N TRP A 110 8.23 2.26 1.45
CA TRP A 110 7.07 1.48 1.82
C TRP A 110 5.87 2.42 1.95
N LEU A 111 4.70 1.86 1.76
CA LEU A 111 3.45 2.61 1.80
C LEU A 111 2.58 2.27 3.01
N GLU A 112 1.93 3.29 3.58
CA GLU A 112 0.96 3.06 4.62
C GLU A 112 -0.21 3.89 4.08
N GLY A 113 -1.22 3.24 3.49
CA GLY A 113 -2.30 3.98 2.89
C GLY A 113 -1.73 4.87 1.81
N GLU A 114 -2.03 6.16 1.90
CA GLU A 114 -1.56 7.13 0.91
C GLU A 114 -0.25 7.80 1.29
N MET A 115 0.34 7.43 2.43
CA MET A 115 1.63 7.98 2.84
C MET A 115 2.76 7.10 2.31
N LEU A 116 3.69 7.72 1.58
CA LEU A 116 4.84 7.04 1.04
C LEU A 116 6.05 7.40 1.90
N TYR A 117 6.65 6.40 2.52
CA TYR A 117 7.81 6.59 3.37
C TYR A 117 9.07 6.30 2.58
N LEU A 118 10.15 6.99 2.94
CA LEU A 118 11.45 6.78 2.33
C LEU A 118 12.51 6.89 3.39
N GLU A 119 13.33 5.85 3.51
CA GLU A 119 14.50 5.82 4.37
C GLU A 119 15.72 5.84 3.48
N LEU A 120 16.62 6.79 3.72
CA LEU A 120 17.83 6.96 2.93
C LEU A 120 19.03 6.71 3.83
N THR A 121 19.98 5.91 3.38
CA THR A 121 21.16 5.59 4.18
C THR A 121 22.44 5.82 3.39
N ALA A 122 23.47 6.25 4.12
CA ALA A 122 24.82 6.38 3.59
C ALA A 122 25.76 6.42 4.78
N ARG A 123 26.76 5.55 4.77
CA ARG A 123 27.69 5.42 5.92
C ARG A 123 26.84 5.14 7.14
N ASP A 124 26.96 5.90 8.23
CA ASP A 124 26.13 5.72 9.41
C ASP A 124 24.94 6.66 9.43
N ALA A 125 24.73 7.45 8.39
CA ALA A 125 23.62 8.38 8.35
C ALA A 125 22.33 7.67 7.94
N VAL A 126 21.23 8.08 8.55
CA VAL A 126 19.89 7.59 8.21
C VAL A 126 18.97 8.80 8.13
N CYS A 127 18.33 9.01 6.98
CA CYS A 127 17.37 10.07 6.76
C CYS A 127 16.00 9.47 6.54
N GLU A 128 14.98 10.06 7.18
CA GLU A 128 13.61 9.61 7.05
C GLU A 128 12.79 10.71 6.38
N GLN A 129 12.05 10.33 5.35
CA GLN A 129 11.20 11.26 4.61
C GLN A 129 9.80 10.67 4.52
N VAL A 130 8.82 11.55 4.36
CA VAL A 130 7.43 11.15 4.18
C VAL A 130 6.82 12.00 3.07
N PHE A 131 6.03 11.35 2.21
CA PHE A 131 5.31 12.01 1.13
C PHE A 131 3.86 11.55 1.18
N ARG A 132 2.97 12.32 0.55
CA ARG A 132 1.56 11.97 0.51
C ARG A 132 1.06 11.94 -0.93
N LYS A 133 0.39 10.86 -1.30
CA LYS A 133 -0.07 10.69 -2.67
C LYS A 133 -1.03 11.81 -3.06
N VAL A 134 -0.91 12.25 -4.30
CA VAL A 134 -1.80 13.25 -4.86
C VAL A 134 -2.92 12.53 -5.60
N ARG A 135 -4.16 12.88 -5.29
CA ARG A 135 -5.30 12.27 -5.94
C ARG A 135 -5.55 12.93 -7.29
N LEU A 136 -6.03 12.13 -8.25
CA LEU A 136 -6.22 12.59 -9.62
C LEU A 136 -7.54 13.36 -9.68
N VAL A 137 -7.47 14.64 -9.32
CA VAL A 137 -8.62 15.53 -9.33
C VAL A 137 -8.44 16.49 -10.51
N PRO A 138 -9.27 16.40 -11.55
CA PRO A 138 -9.24 17.33 -12.69
C PRO A 138 -9.36 18.80 -12.27
N PRO B 2 -17.60 7.09 -8.67
CA PRO B 2 -17.09 5.84 -8.09
C PRO B 2 -17.36 4.66 -9.03
N PRO B 3 -16.54 3.62 -8.97
CA PRO B 3 -16.75 2.47 -9.84
C PRO B 3 -17.97 1.66 -9.42
N ASN B 4 -18.41 0.80 -10.33
CA ASN B 4 -19.50 -0.13 -10.09
C ASN B 4 -18.88 -1.48 -9.77
N LEU B 5 -19.08 -1.95 -8.55
CA LEU B 5 -18.46 -3.20 -8.11
C LEU B 5 -19.33 -4.43 -8.35
N THR B 6 -20.50 -4.26 -8.98
CA THR B 6 -21.40 -5.38 -9.19
C THR B 6 -20.70 -6.51 -9.92
N GLY B 7 -20.92 -7.73 -9.45
CA GLY B 7 -20.36 -8.91 -10.09
C GLY B 7 -20.21 -10.06 -9.13
N TYR B 8 -19.84 -11.21 -9.69
CA TYR B 8 -19.48 -12.39 -8.93
C TYR B 8 -17.99 -12.63 -9.14
N TYR B 9 -17.23 -12.74 -8.05
CA TYR B 9 -15.77 -12.86 -8.10
C TYR B 9 -15.37 -14.11 -7.37
N ARG B 10 -14.56 -14.95 -7.99
CA ARG B 10 -14.49 -16.30 -7.46
C ARG B 10 -13.15 -16.24 -6.73
N PHE B 11 -12.96 -16.99 -5.66
CA PHE B 11 -11.73 -16.85 -4.88
C PHE B 11 -10.46 -17.08 -5.71
N VAL B 12 -9.42 -16.28 -5.44
CA VAL B 12 -8.09 -16.46 -6.03
C VAL B 12 -7.03 -16.84 -5.00
N SER B 13 -6.82 -15.99 -3.99
CA SER B 13 -5.76 -16.24 -3.01
C SER B 13 -6.00 -15.44 -1.75
N GLN B 14 -5.23 -15.76 -0.71
CA GLN B 14 -5.23 -14.96 0.50
C GLN B 14 -3.92 -15.13 1.25
N LYS B 15 -3.63 -14.11 2.07
CA LYS B 15 -2.49 -14.03 2.98
C LYS B 15 -2.80 -13.37 4.32
N ASN B 16 -2.23 -14.00 5.35
CA ASN B 16 -2.29 -13.52 6.74
C ASN B 16 -3.71 -13.54 7.30
N MET B 17 -4.56 -14.44 6.80
CA MET B 17 -5.88 -14.59 7.40
C MET B 17 -5.78 -14.99 8.87
N GLU B 18 -4.82 -15.85 9.21
CA GLU B 18 -4.64 -16.26 10.60
C GLU B 18 -4.47 -15.05 11.52
N ASP B 19 -3.62 -14.11 11.13
CA ASP B 19 -3.41 -12.92 11.94
C ASP B 19 -4.72 -12.17 12.17
N TYR B 20 -5.50 -11.99 11.11
CA TYR B 20 -6.76 -11.26 11.23
C TYR B 20 -7.74 -11.99 12.12
N LEU B 21 -7.86 -13.32 11.96
CA LEU B 21 -8.80 -14.07 12.78
C LEU B 21 -8.38 -14.05 14.25
N GLN B 22 -7.08 -14.15 14.53
CA GLN B 22 -6.62 -14.04 15.90
C GLN B 22 -6.88 -12.66 16.47
N ALA B 23 -6.78 -11.62 15.64
CA ALA B 23 -7.04 -10.26 16.11
C ALA B 23 -8.50 -10.06 16.50
N LEU B 24 -9.41 -10.78 15.86
CA LEU B 24 -10.81 -10.76 16.26
C LEU B 24 -11.10 -11.73 17.40
N ASN B 25 -10.08 -12.40 17.93
CA ASN B 25 -10.23 -13.32 19.06
C ASN B 25 -11.09 -14.53 18.71
N ILE B 26 -11.05 -14.96 17.46
CA ILE B 26 -11.77 -16.15 17.04
C ILE B 26 -11.02 -17.38 17.53
N SER B 27 -11.77 -18.36 18.03
CA SER B 27 -11.16 -19.49 18.72
C SER B 27 -10.45 -20.43 17.75
N LEU B 28 -9.50 -21.19 18.29
CA LEU B 28 -8.70 -22.10 17.47
C LEU B 28 -9.56 -23.02 16.63
N ALA B 29 -10.58 -23.64 17.25
CA ALA B 29 -11.42 -24.58 16.52
C ALA B 29 -12.05 -23.93 15.30
N VAL B 30 -12.57 -22.71 15.46
CA VAL B 30 -13.19 -22.04 14.32
C VAL B 30 -12.14 -21.60 13.32
N ARG B 31 -10.98 -21.14 13.79
CA ARG B 31 -9.92 -20.75 12.88
C ARG B 31 -9.50 -21.92 12.03
N LYS B 32 -9.51 -23.13 12.58
CA LYS B 32 -9.08 -24.28 11.81
C LYS B 32 -9.94 -24.50 10.58
N ILE B 33 -11.24 -24.27 10.71
CA ILE B 33 -12.16 -24.43 9.59
C ILE B 33 -12.08 -23.24 8.64
N ALA B 34 -11.99 -22.02 9.19
CA ALA B 34 -12.06 -20.83 8.34
C ALA B 34 -10.83 -20.70 7.45
N LEU B 35 -9.64 -20.96 8.00
CA LEU B 35 -8.41 -20.94 7.22
C LEU B 35 -8.50 -21.72 5.91
N LEU B 36 -9.24 -22.84 5.91
CA LEU B 36 -9.29 -23.66 4.70
C LEU B 36 -10.32 -23.18 3.69
N LEU B 37 -11.15 -22.20 4.04
CA LEU B 37 -12.20 -21.74 3.14
C LEU B 37 -11.63 -20.86 2.04
N LYS B 38 -12.22 -21.00 0.84
CA LYS B 38 -11.88 -20.21 -0.34
C LYS B 38 -13.15 -19.47 -0.73
N PRO B 39 -13.49 -18.39 -0.03
CA PRO B 39 -14.80 -17.77 -0.24
C PRO B 39 -14.87 -16.98 -1.54
N ASP B 40 -16.06 -16.95 -2.10
CA ASP B 40 -16.38 -16.11 -3.25
C ASP B 40 -17.03 -14.82 -2.74
N LYS B 41 -17.00 -13.79 -3.60
CA LYS B 41 -17.62 -12.52 -3.31
C LYS B 41 -18.70 -12.22 -4.34
N GLU B 42 -19.90 -11.95 -3.88
CA GLU B 42 -21.02 -11.58 -4.74
C GLU B 42 -21.51 -10.20 -4.32
N ILE B 43 -21.37 -9.23 -5.22
CA ILE B 43 -21.67 -7.83 -4.92
C ILE B 43 -22.79 -7.38 -5.85
N GLU B 44 -23.81 -6.77 -5.26
CA GLU B 44 -24.87 -6.09 -6.01
C GLU B 44 -24.77 -4.61 -5.63
N HIS B 45 -24.18 -3.82 -6.52
CA HIS B 45 -23.94 -2.39 -6.30
C HIS B 45 -24.93 -1.66 -7.19
N GLN B 46 -26.08 -1.31 -6.61
CA GLN B 46 -27.20 -0.71 -7.34
C GLN B 46 -27.35 0.72 -6.86
N GLY B 47 -26.99 1.67 -7.72
CA GLY B 47 -26.98 3.06 -7.29
C GLY B 47 -26.00 3.23 -6.16
N ASN B 48 -26.45 3.81 -5.06
CA ASN B 48 -25.62 4.04 -3.89
C ASN B 48 -25.76 2.94 -2.84
N HIS B 49 -26.55 1.91 -3.10
CA HIS B 49 -26.71 0.79 -2.19
C HIS B 49 -25.81 -0.36 -2.61
N MET B 50 -25.35 -1.13 -1.64
CA MET B 50 -24.49 -2.27 -1.93
CA MET B 50 -24.48 -2.27 -1.91
C MET B 50 -24.85 -3.44 -1.02
N THR B 51 -24.95 -4.63 -1.62
CA THR B 51 -25.06 -5.89 -0.92
C THR B 51 -23.79 -6.67 -1.21
N VAL B 52 -23.06 -7.05 -0.16
CA VAL B 52 -21.80 -7.77 -0.29
C VAL B 52 -21.96 -9.11 0.38
N ARG B 53 -22.01 -10.18 -0.43
CA ARG B 53 -22.14 -11.53 0.09
C ARG B 53 -20.79 -12.25 -0.02
N THR B 54 -20.36 -12.84 1.09
CA THR B 54 -19.18 -13.68 1.14
C THR B 54 -19.69 -15.12 1.20
N LEU B 55 -19.44 -15.87 0.13
CA LEU B 55 -20.08 -17.17 -0.08
C LEU B 55 -19.06 -18.30 -0.01
N SER B 56 -19.39 -19.33 0.75
CA SER B 56 -18.65 -20.58 0.72
C SER B 56 -19.64 -21.71 0.96
N THR B 57 -19.23 -22.93 0.58
CA THR B 57 -20.06 -24.08 0.90
C THR B 57 -20.26 -24.24 2.39
N PHE B 58 -19.34 -23.70 3.20
CA PHE B 58 -19.46 -23.88 4.65
C PHE B 58 -20.34 -22.81 5.31
N ARG B 59 -20.21 -21.54 4.92
CA ARG B 59 -21.06 -20.52 5.50
C ARG B 59 -21.09 -19.30 4.59
N ASN B 60 -22.13 -18.48 4.78
CA ASN B 60 -22.31 -17.26 4.01
C ASN B 60 -22.51 -16.10 4.97
N TYR B 61 -21.84 -14.98 4.69
CA TYR B 61 -22.03 -13.75 5.45
C TYR B 61 -22.41 -12.65 4.47
N THR B 62 -23.54 -11.99 4.73
CA THR B 62 -24.00 -10.86 3.94
C THR B 62 -24.00 -9.60 4.81
N VAL B 63 -23.53 -8.50 4.22
CA VAL B 63 -23.72 -7.17 4.78
C VAL B 63 -24.30 -6.29 3.68
N GLN B 64 -25.23 -5.42 4.05
CA GLN B 64 -25.83 -4.47 3.11
C GLN B 64 -25.78 -3.09 3.73
N PHE B 65 -25.61 -2.08 2.87
CA PHE B 65 -25.46 -0.72 3.34
C PHE B 65 -25.67 0.25 2.20
N ASP B 66 -25.97 1.49 2.57
CA ASP B 66 -25.90 2.62 1.66
C ASP B 66 -24.57 3.31 1.93
N VAL B 67 -23.81 3.57 0.86
CA VAL B 67 -22.51 4.20 1.04
C VAL B 67 -22.71 5.56 1.68
N GLY B 68 -21.99 5.81 2.78
CA GLY B 68 -22.08 7.07 3.48
C GLY B 68 -23.09 7.12 4.59
N VAL B 69 -23.78 6.02 4.88
CA VAL B 69 -24.79 5.97 5.93
C VAL B 69 -24.33 4.99 7.00
N GLU B 70 -24.07 5.50 8.20
CA GLU B 70 -23.63 4.66 9.30
C GLU B 70 -24.75 3.69 9.67
N PHE B 71 -24.37 2.48 10.07
CA PHE B 71 -25.34 1.46 10.42
C PHE B 71 -24.74 0.51 11.45
N GLU B 72 -25.61 -0.16 12.19
CA GLU B 72 -25.20 -1.20 13.11
C GLU B 72 -25.00 -2.49 12.33
N GLU B 73 -23.76 -2.98 12.27
CA GLU B 73 -23.44 -4.20 11.55
C GLU B 73 -23.46 -5.37 12.53
N ASP B 74 -24.27 -6.39 12.22
CA ASP B 74 -24.37 -7.59 13.05
C ASP B 74 -23.30 -8.57 12.61
N LEU B 75 -22.17 -8.58 13.32
CA LEU B 75 -21.06 -9.47 13.04
C LEU B 75 -21.03 -10.66 13.98
N ARG B 76 -22.15 -10.98 14.62
CA ARG B 76 -22.14 -12.02 15.63
C ARG B 76 -21.75 -13.37 15.06
N SER B 77 -22.13 -13.65 13.81
CA SER B 77 -21.76 -14.90 13.17
C SER B 77 -20.28 -14.97 12.81
N VAL B 78 -19.56 -13.84 12.89
CA VAL B 78 -18.16 -13.81 12.53
C VAL B 78 -17.31 -13.93 13.79
N ASP B 79 -17.49 -12.98 14.73
CA ASP B 79 -16.69 -12.97 15.94
C ASP B 79 -17.52 -12.66 17.19
N GLY B 80 -18.84 -12.74 17.11
CA GLY B 80 -19.71 -12.52 18.25
C GLY B 80 -19.97 -11.07 18.59
N ARG B 81 -19.60 -10.13 17.74
CA ARG B 81 -19.69 -8.72 18.06
C ARG B 81 -20.59 -7.97 17.09
N LYS B 82 -21.01 -6.79 17.52
CA LYS B 82 -21.69 -5.82 16.68
C LYS B 82 -20.84 -4.56 16.61
N CYS B 83 -20.87 -3.89 15.46
CA CYS B 83 -20.07 -2.70 15.23
C CYS B 83 -20.92 -1.58 14.65
N GLN B 84 -20.43 -0.35 14.85
CA GLN B 84 -20.97 0.83 14.17
C GLN B 84 -20.12 1.06 12.94
N THR B 85 -20.70 0.80 11.77
CA THR B 85 -19.94 0.68 10.54
C THR B 85 -20.32 1.78 9.57
N ILE B 86 -19.31 2.28 8.86
CA ILE B 86 -19.47 3.30 7.83
C ILE B 86 -18.62 2.87 6.63
N VAL B 87 -19.20 2.98 5.43
CA VAL B 87 -18.51 2.68 4.19
C VAL B 87 -18.53 3.92 3.33
N THR B 88 -17.36 4.31 2.82
CA THR B 88 -17.23 5.49 1.98
C THR B 88 -16.32 5.19 0.82
N TRP B 89 -16.39 6.03 -0.21
CA TRP B 89 -15.51 5.97 -1.37
C TRP B 89 -14.36 6.96 -1.15
N GLU B 90 -13.14 6.44 -1.22
CA GLU B 90 -11.93 7.26 -1.17
C GLU B 90 -11.20 7.03 -2.49
N GLU B 91 -11.41 7.96 -3.42
CA GLU B 91 -10.97 7.78 -4.81
C GLU B 91 -11.55 6.46 -5.32
N GLU B 92 -10.71 5.48 -5.61
CA GLU B 92 -11.19 4.26 -6.24
C GLU B 92 -11.36 3.12 -5.24
N HIS B 93 -11.10 3.38 -3.96
CA HIS B 93 -11.19 2.37 -2.92
C HIS B 93 -12.47 2.54 -2.12
N LEU B 94 -13.13 1.42 -1.85
CA LEU B 94 -14.29 1.38 -0.96
C LEU B 94 -13.77 1.06 0.44
N VAL B 95 -13.93 2.01 1.36
CA VAL B 95 -13.28 1.98 2.67
C VAL B 95 -14.35 1.77 3.73
N CYS B 96 -14.19 0.71 4.53
CA CYS B 96 -15.13 0.39 5.60
C CYS B 96 -14.42 0.48 6.94
N VAL B 97 -15.02 1.21 7.88
CA VAL B 97 -14.53 1.28 9.25
C VAL B 97 -15.60 0.71 10.16
N GLN B 98 -15.22 -0.25 10.99
CA GLN B 98 -16.15 -0.93 11.89
C GLN B 98 -15.76 -0.53 13.31
N LYS B 99 -16.48 0.43 13.87
CA LYS B 99 -16.15 0.97 15.18
C LYS B 99 -16.73 0.08 16.28
N GLY B 100 -15.90 -0.24 17.26
CA GLY B 100 -16.35 -1.10 18.35
C GLY B 100 -15.21 -1.47 19.28
N GLU B 101 -15.31 -2.66 19.86
CA GLU B 101 -14.34 -3.08 20.86
C GLU B 101 -12.96 -3.27 20.26
N VAL B 102 -12.88 -3.82 19.05
CA VAL B 102 -11.61 -4.13 18.41
C VAL B 102 -11.09 -2.87 17.72
N PRO B 103 -9.87 -2.41 18.02
CA PRO B 103 -9.35 -1.22 17.34
C PRO B 103 -8.87 -1.55 15.93
N ASN B 104 -8.89 -0.51 15.09
CA ASN B 104 -8.38 -0.59 13.72
C ASN B 104 -9.13 -1.64 12.90
N ARG B 105 -10.41 -1.84 13.19
CA ARG B 105 -11.19 -2.87 12.51
C ARG B 105 -11.87 -2.28 11.29
N GLY B 106 -11.74 -2.97 10.16
CA GLY B 106 -12.38 -2.53 8.94
C GLY B 106 -11.86 -3.31 7.74
N TRP B 107 -12.15 -2.78 6.55
CA TRP B 107 -11.65 -3.40 5.33
C TRP B 107 -11.70 -2.39 4.19
N ARG B 108 -11.03 -2.74 3.08
CA ARG B 108 -10.98 -1.92 1.89
C ARG B 108 -11.08 -2.80 0.65
N HIS B 109 -12.03 -2.49 -0.24
CA HIS B 109 -12.00 -3.02 -1.61
C HIS B 109 -11.44 -2.03 -2.63
N TRP B 110 -10.87 -2.60 -3.69
CA TRP B 110 -10.57 -1.90 -4.92
C TRP B 110 -10.53 -2.92 -6.06
N LEU B 111 -10.92 -2.46 -7.24
CA LEU B 111 -11.10 -3.31 -8.42
C LEU B 111 -10.09 -2.88 -9.47
N GLU B 112 -9.35 -3.83 -10.01
CA GLU B 112 -8.33 -3.57 -11.02
C GLU B 112 -8.54 -4.55 -12.17
N GLY B 113 -9.18 -4.06 -13.23
CA GLY B 113 -9.60 -4.93 -14.31
C GLY B 113 -10.64 -5.91 -13.82
N GLU B 114 -10.37 -7.21 -14.00
CA GLU B 114 -11.25 -8.26 -13.51
C GLU B 114 -10.88 -8.74 -12.12
N MET B 115 -9.85 -8.15 -11.50
CA MET B 115 -9.36 -8.59 -10.21
C MET B 115 -9.90 -7.69 -9.10
N LEU B 116 -10.59 -8.29 -8.14
CA LEU B 116 -11.11 -7.59 -6.98
C LEU B 116 -10.21 -7.88 -5.78
N TYR B 117 -9.73 -6.83 -5.13
CA TYR B 117 -8.84 -6.93 -3.99
C TYR B 117 -9.57 -6.53 -2.72
N LEU B 118 -9.21 -7.19 -1.62
CA LEU B 118 -9.80 -6.92 -0.32
C LEU B 118 -8.69 -6.93 0.73
N GLU B 119 -8.61 -5.85 1.50
CA GLU B 119 -7.70 -5.76 2.63
C GLU B 119 -8.54 -5.70 3.90
N LEU B 120 -8.27 -6.62 4.83
CA LEU B 120 -8.99 -6.71 6.09
C LEU B 120 -8.03 -6.36 7.21
N THR B 121 -8.47 -5.51 8.15
CA THR B 121 -7.64 -5.09 9.26
C THR B 121 -8.35 -5.27 10.59
N ALA B 122 -7.56 -5.60 11.61
CA ALA B 122 -8.01 -5.64 12.99
C ALA B 122 -6.77 -5.65 13.86
N ARG B 123 -6.78 -4.82 14.92
CA ARG B 123 -5.60 -4.65 15.78
C ARG B 123 -4.41 -4.29 14.87
N ASP B 124 -3.32 -5.04 14.94
CA ASP B 124 -2.16 -4.79 14.07
C ASP B 124 -2.11 -5.75 12.89
N ALA B 125 -3.15 -6.54 12.67
CA ALA B 125 -3.19 -7.55 11.63
C ALA B 125 -3.68 -6.94 10.32
N VAL B 126 -3.12 -7.43 9.21
CA VAL B 126 -3.53 -7.03 7.87
C VAL B 126 -3.60 -8.27 7.01
N CYS B 127 -4.80 -8.65 6.58
CA CYS B 127 -5.02 -9.76 5.68
C CYS B 127 -5.35 -9.23 4.30
N GLU B 128 -4.84 -9.90 3.27
CA GLU B 128 -5.11 -9.55 1.89
C GLU B 128 -5.75 -10.73 1.18
N GLN B 129 -6.79 -10.44 0.39
CA GLN B 129 -7.47 -11.45 -0.41
C GLN B 129 -7.60 -10.93 -1.83
N VAL B 130 -7.71 -11.86 -2.77
CA VAL B 130 -7.82 -11.56 -4.19
C VAL B 130 -8.90 -12.44 -4.80
N PHE B 131 -9.72 -11.84 -5.65
CA PHE B 131 -10.80 -12.54 -6.34
C PHE B 131 -10.78 -12.14 -7.81
N ARG B 132 -11.47 -12.93 -8.64
CA ARG B 132 -11.53 -12.69 -10.08
C ARG B 132 -12.98 -12.74 -10.53
N LYS B 133 -13.40 -11.72 -11.28
CA LYS B 133 -14.76 -11.66 -11.76
C LYS B 133 -15.08 -12.85 -12.66
N VAL B 134 -16.30 -13.36 -12.54
CA VAL B 134 -16.78 -14.49 -13.34
C VAL B 134 -17.76 -13.92 -14.37
N ARG B 135 -17.37 -14.00 -15.65
CA ARG B 135 -18.15 -13.61 -16.82
C ARG B 135 -18.98 -14.78 -17.35
N LEU B 136 -20.25 -14.50 -17.65
CA LEU B 136 -21.16 -15.47 -18.24
C LEU B 136 -21.52 -15.17 -19.69
N VAL B 137 -21.39 -13.91 -20.12
CA VAL B 137 -21.83 -13.50 -21.46
C VAL B 137 -20.76 -12.60 -22.05
N PRO B 138 -20.64 -12.56 -23.40
CA PRO B 138 -19.64 -11.65 -23.98
C PRO B 138 -19.83 -10.19 -23.59
C11 A1ALJ C . 15.39 7.38 -3.76
C12 A1ALJ C . 14.27 6.77 -4.59
C13 A1ALJ C . 14.68 6.88 -6.06
C14 A1ALJ C . 16.65 9.36 -3.73
C36 A1ALJ C . 21.43 14.05 -1.92
C35 A1ALJ C . 17.45 16.68 -1.05
C34 A1ALJ C . 19.82 21.17 -5.50
C33 A1ALJ C . 23.59 18.13 -6.00
C24 A1ALJ C . 19.45 17.02 -2.71
C30 A1ALJ C . 18.79 16.27 -1.69
C29 A1ALJ C . 19.42 15.28 -1.41
C27 A1ALJ C . 22.25 18.65 -5.47
C28 A1ALJ C . 20.43 15.21 -2.06
C26 A1ALJ C . 21.75 19.72 -5.82
C25 A1ALJ C . 20.67 19.91 -5.26
C19 A1ALJ C . 19.16 18.43 -3.46
C20 A1ALJ C . 20.27 18.90 -4.39
C17 A1ALJ C . 16.60 10.86 -3.48
B22 A1ALJ C . 21.65 16.58 -3.88
C01 A1ALJ C . 17.75 19.00 -3.55
C02 A1ALJ C . 17.99 11.47 -3.25
C03 A1ALJ C . 18.71 11.81 -4.56
C04 A1ALJ C . 17.94 12.78 -5.46
C05 A1ALJ C . 18.33 14.24 -5.19
C06 A1ALJ C . 17.53 15.13 -6.13
C07 A1ALJ C . 17.92 16.59 -5.93
C08 A1ALJ C . 16.84 17.27 -5.10
C09 A1ALJ C . 17.18 18.75 -4.95
F31 A1ALJ C . 23.10 16.58 -3.07
F32 A1ALJ C . 21.63 15.48 -5.12
N21 A1ALJ C . 21.52 17.94 -4.58
N23 A1ALJ C . 20.63 16.22 -2.94
O10 A1ALJ C . 15.85 7.67 -6.22
O15 A1ALJ C . 17.65 8.73 -3.58
O16 A1ALJ C . 15.47 8.72 -4.13
O18 A1ALJ C . 13.09 7.50 -4.32
C1 GOL D . -17.98 -7.74 3.44
O1 GOL D . -18.56 -8.27 4.59
C2 GOL D . -16.46 -7.68 3.64
O2 GOL D . -15.96 -8.96 3.94
C3 GOL D . -15.82 -7.11 2.38
O3 GOL D . -16.09 -7.94 1.29
#